data_6ABL
#
_entry.id   6ABL
#
_cell.length_a   101.671
_cell.length_b   44.281
_cell.length_c   72.654
_cell.angle_alpha   90.00
_cell.angle_beta   118.43
_cell.angle_gamma   90.00
#
_symmetry.space_group_name_H-M   'C 1 2 1'
#
loop_
_entity.id
_entity.type
_entity.pdbx_description
1 polymer 'Pyrrolysine--tRNA ligase'
2 non-polymer 'MAGNESIUM ION'
3 non-polymer "ADENOSINE-5'-TRIPHOSPHATE"
4 non-polymer '(2S)-2-azanyl-6-[(2-bromophenyl)methoxycarbonylamino]hexanoic acid'
5 water water
#
_entity_poly.entity_id   1
_entity_poly.type   'polypeptide(L)'
_entity_poly.pdbx_seq_one_letter_code
;GSHMASAPALTKSQTDRLEVLLNPKDEISLNSGKPFRELESELLSRRKKDLQQIYAEERENYLGKLEREITRFFVDRGFL
EIKSPILIPLEYIERMGIDNDTELSKQIFRVDKNFCLRPMLAPNLANYLRKLDRALPDPIKIFEIGPCYRKESDGKEHLE
EFTMLNFCQMGSGCTRENLESIITDFLNHLGIDFKIVGDSCMVFGDTLDVMHGDLELSSAVVGPIPLDREWGIDKPWIGA
GFGLERLLKVKHDFKNIKRAARSGSYYNGISTNL
;
_entity_poly.pdbx_strand_id   A
#
# COMPACT_ATOMS: atom_id res chain seq x y z
N PRO A 8 21.88 35.34 -3.40
CA PRO A 8 22.15 33.96 -3.83
C PRO A 8 20.86 33.17 -4.12
N ALA A 9 20.59 32.83 -5.38
CA ALA A 9 19.47 31.97 -5.71
C ALA A 9 19.89 30.52 -5.90
N LEU A 10 19.06 29.59 -5.46
CA LEU A 10 19.33 28.16 -5.59
C LEU A 10 18.86 27.64 -6.92
N THR A 11 19.66 26.78 -7.52
CA THR A 11 19.30 26.14 -8.75
C THR A 11 18.29 25.03 -8.47
N LYS A 12 17.68 24.54 -9.54
CA LYS A 12 16.80 23.38 -9.39
C LYS A 12 17.54 22.18 -8.80
N SER A 13 18.79 21.94 -9.24
CA SER A 13 19.53 20.81 -8.70
CA SER A 13 19.51 20.81 -8.69
C SER A 13 19.77 20.98 -7.21
N GLN A 14 20.08 22.22 -6.77
CA GLN A 14 20.34 22.46 -5.35
C GLN A 14 19.07 22.34 -4.52
N THR A 15 17.96 22.89 -5.00
CA THR A 15 16.67 22.71 -4.33
CA THR A 15 16.71 22.69 -4.27
C THR A 15 16.30 21.23 -4.24
N ASP A 16 16.51 20.48 -5.33
CA ASP A 16 16.19 19.04 -5.28
C ASP A 16 17.01 18.31 -4.21
N ARG A 17 18.29 18.69 -4.08
CA ARG A 17 19.17 18.07 -3.08
C ARG A 17 18.67 18.37 -1.68
N LEU A 18 18.34 19.63 -1.42
CA LEU A 18 17.85 19.99 -0.10
C LEU A 18 16.52 19.28 0.19
N GLU A 19 15.63 19.15 -0.82
CA GLU A 19 14.39 18.42 -0.60
C GLU A 19 14.61 16.96 -0.26
N VAL A 20 15.62 16.33 -0.85
CA VAL A 20 15.95 14.96 -0.49
C VAL A 20 16.29 14.87 0.99
N LEU A 21 16.99 15.88 1.51
CA LEU A 21 17.51 15.87 2.87
C LEU A 21 16.51 16.42 3.89
N LEU A 22 15.46 17.08 3.45
CA LEU A 22 14.50 17.69 4.34
C LEU A 22 13.54 16.64 4.85
N ASN A 23 13.12 16.84 6.08
CA ASN A 23 12.11 15.92 6.59
C ASN A 23 10.89 16.73 7.05
N PRO A 24 9.71 16.11 7.15
CA PRO A 24 8.50 16.87 7.55
C PRO A 24 8.63 17.61 8.86
N LYS A 25 9.41 17.08 9.81
CA LYS A 25 9.53 17.71 11.11
C LYS A 25 10.40 18.97 11.09
N ASP A 26 11.16 19.17 10.03
CA ASP A 26 11.98 20.37 9.97
C ASP A 26 11.11 21.59 9.70
N GLU A 27 11.60 22.76 10.10
CA GLU A 27 11.01 24.03 9.71
C GLU A 27 12.17 24.90 9.26
N ILE A 28 12.57 24.71 8.01
CA ILE A 28 13.69 25.42 7.40
C ILE A 28 13.22 26.02 6.09
N SER A 29 13.50 27.30 5.88
CA SER A 29 13.20 27.95 4.61
C SER A 29 14.38 27.72 3.68
N LEU A 30 14.13 27.15 2.52
CA LEU A 30 15.21 26.85 1.59
C LEU A 30 15.70 28.10 0.88
N ASN A 31 14.81 29.08 0.67
CA ASN A 31 15.11 30.29 -0.08
C ASN A 31 15.08 31.54 0.81
N SER A 32 15.60 31.42 2.03
CA SER A 32 15.75 32.55 2.92
C SER A 32 16.90 33.46 2.53
N GLY A 33 17.81 33.00 1.68
CA GLY A 33 19.06 33.70 1.40
C GLY A 33 20.28 33.06 2.02
N LYS A 34 20.10 32.14 2.96
CA LYS A 34 21.22 31.36 3.47
C LYS A 34 21.83 30.55 2.33
N PRO A 35 23.15 30.45 2.25
CA PRO A 35 23.73 29.78 1.08
C PRO A 35 23.49 28.30 1.14
N PHE A 36 23.46 27.72 -0.06
CA PHE A 36 23.23 26.28 -0.20
C PHE A 36 24.18 25.47 0.68
N ARG A 37 25.47 25.83 0.76
CA ARG A 37 26.43 25.05 1.54
C ARG A 37 25.99 24.90 3.00
N GLU A 38 25.44 25.97 3.58
CA GLU A 38 25.03 25.94 4.97
C GLU A 38 23.73 25.18 5.15
N LEU A 39 22.79 25.32 4.22
CA LEU A 39 21.57 24.53 4.33
C LEU A 39 21.85 23.06 4.15
N GLU A 40 22.69 22.71 3.18
CA GLU A 40 23.01 21.30 3.00
C GLU A 40 23.74 20.74 4.20
N SER A 41 24.69 21.48 4.77
CA SER A 41 25.45 20.97 5.91
CA SER A 41 25.45 20.96 5.90
C SER A 41 24.54 20.77 7.11
N GLU A 42 23.61 21.70 7.32
CA GLU A 42 22.69 21.60 8.45
C GLU A 42 21.80 20.38 8.28
N LEU A 43 21.25 20.17 7.08
CA LEU A 43 20.36 19.05 6.90
C LEU A 43 21.12 17.73 6.93
N LEU A 44 22.35 17.69 6.37
CA LEU A 44 23.14 16.46 6.46
C LEU A 44 23.39 16.09 7.93
N SER A 45 23.66 17.07 8.78
CA SER A 45 23.92 16.76 10.17
CA SER A 45 23.92 16.76 10.18
C SER A 45 22.67 16.22 10.86
N ARG A 46 21.51 16.84 10.60
CA ARG A 46 20.26 16.38 11.20
C ARG A 46 19.95 14.95 10.77
N ARG A 47 20.11 14.66 9.48
CA ARG A 47 19.77 13.34 8.98
C ARG A 47 20.72 12.27 9.49
N LYS A 48 22.03 12.53 9.53
CA LYS A 48 22.97 11.61 10.17
C LYS A 48 22.58 11.32 11.62
N LYS A 49 22.25 12.37 12.37
CA LYS A 49 21.80 12.18 13.75
C LYS A 49 20.55 11.29 13.81
N ASP A 50 19.57 11.53 12.91
CA ASP A 50 18.37 10.72 12.87
C ASP A 50 18.68 9.26 12.57
N LEU A 51 19.55 9.00 11.60
CA LEU A 51 19.88 7.62 11.26
C LEU A 51 20.67 6.95 12.38
N GLN A 52 21.55 7.69 13.04
CA GLN A 52 22.29 7.14 14.18
C GLN A 52 21.34 6.76 15.31
N GLN A 53 20.32 7.58 15.55
CA GLN A 53 19.34 7.26 16.58
C GLN A 53 18.52 6.00 16.24
N ILE A 54 18.11 5.86 14.98
CA ILE A 54 17.42 4.63 14.58
C ILE A 54 18.33 3.43 14.80
N TYR A 55 19.61 3.55 14.42
CA TYR A 55 20.52 2.42 14.53
C TYR A 55 20.74 2.05 15.99
N ALA A 56 20.85 3.05 16.85
CA ALA A 56 21.11 2.80 18.25
C ALA A 56 19.90 2.25 18.99
N GLU A 57 18.65 2.60 18.59
CA GLU A 57 17.51 2.42 19.50
C GLU A 57 16.30 1.64 18.99
N GLU A 58 16.00 1.70 17.69
CA GLU A 58 14.80 1.04 17.19
C GLU A 58 15.21 -0.20 16.40
N ARG A 59 15.81 0.04 15.25
CA ARG A 59 16.34 -0.80 14.18
C ARG A 59 15.31 -1.45 13.28
N GLU A 60 14.05 -1.19 13.46
CA GLU A 60 13.04 -1.85 12.66
C GLU A 60 12.66 -0.99 11.45
N ASN A 61 12.50 -1.67 10.31
CA ASN A 61 12.12 -0.99 9.09
C ASN A 61 10.65 -0.60 9.13
N TYR A 62 10.29 0.59 8.66
CA TYR A 62 8.89 1.04 8.76
C TYR A 62 7.95 0.07 8.05
N LEU A 63 8.33 -0.39 6.84
CA LEU A 63 7.41 -1.26 6.12
C LEU A 63 7.30 -2.61 6.80
N GLY A 64 8.43 -3.16 7.27
CA GLY A 64 8.37 -4.41 8.03
C GLY A 64 7.55 -4.29 9.28
N LYS A 65 7.79 -3.23 10.06
CA LYS A 65 7.08 -3.04 11.32
C LYS A 65 5.59 -2.88 11.08
N LEU A 66 5.19 -2.13 10.06
CA LEU A 66 3.78 -1.94 9.83
C LEU A 66 3.16 -3.24 9.39
N GLU A 67 3.84 -4.01 8.55
CA GLU A 67 3.29 -5.33 8.19
C GLU A 67 3.09 -6.17 9.45
N ARG A 68 4.04 -6.17 10.38
CA ARG A 68 3.90 -6.95 11.60
C ARG A 68 2.73 -6.47 12.45
N GLU A 69 2.55 -5.15 12.58
CA GLU A 69 1.46 -4.57 13.34
C GLU A 69 0.11 -4.97 12.73
N ILE A 70 0.00 -4.87 11.40
CA ILE A 70 -1.25 -5.23 10.72
C ILE A 70 -1.50 -6.72 10.85
N THR A 71 -0.46 -7.54 10.71
CA THR A 71 -0.62 -8.99 10.85
C THR A 71 -1.20 -9.35 12.22
N ARG A 72 -0.67 -8.74 13.30
CA ARG A 72 -1.19 -9.04 14.62
C ARG A 72 -2.67 -8.64 14.73
N PHE A 73 -3.04 -7.49 14.17
CA PHE A 73 -4.43 -7.03 14.24
C PHE A 73 -5.37 -8.05 13.61
N PHE A 74 -5.04 -8.52 12.41
CA PHE A 74 -5.96 -9.41 11.71
C PHE A 74 -5.92 -10.82 12.28
N VAL A 75 -4.74 -11.35 12.62
CA VAL A 75 -4.69 -12.67 13.26
C VAL A 75 -5.56 -12.67 14.51
N ASP A 76 -5.49 -11.61 15.34
CA ASP A 76 -6.19 -11.59 16.62
C ASP A 76 -7.70 -11.49 16.42
N ARG A 77 -8.13 -11.00 15.26
CA ARG A 77 -9.55 -10.88 14.89
C ARG A 77 -10.04 -12.07 14.10
N GLY A 78 -9.27 -13.16 14.02
CA GLY A 78 -9.77 -14.39 13.45
C GLY A 78 -9.46 -14.61 11.98
N PHE A 79 -8.57 -13.82 11.41
CA PHE A 79 -8.23 -14.00 10.01
C PHE A 79 -6.96 -14.81 9.87
N LEU A 80 -6.97 -15.76 8.92
CA LEU A 80 -5.81 -16.61 8.66
C LEU A 80 -4.79 -15.86 7.81
N GLU A 81 -3.53 -15.89 8.22
CA GLU A 81 -2.47 -15.16 7.51
C GLU A 81 -2.00 -15.99 6.31
N ILE A 82 -2.09 -15.41 5.12
CA ILE A 82 -1.70 -16.06 3.86
C ILE A 82 -0.41 -15.42 3.34
N LYS A 83 0.46 -16.27 2.77
CA LYS A 83 1.60 -15.79 1.98
C LYS A 83 1.56 -16.61 0.69
N SER A 84 1.17 -15.96 -0.40
CA SER A 84 0.92 -16.61 -1.68
C SER A 84 1.93 -16.12 -2.69
N PRO A 85 2.00 -16.74 -3.88
CA PRO A 85 3.05 -16.36 -4.86
C PRO A 85 2.96 -14.90 -5.30
N ILE A 86 4.13 -14.29 -5.47
CA ILE A 86 4.17 -12.95 -6.11
C ILE A 86 4.26 -13.09 -7.61
N LEU A 87 5.00 -14.08 -8.10
CA LEU A 87 5.09 -14.43 -9.51
C LEU A 87 3.92 -15.35 -9.82
N ILE A 88 2.99 -14.89 -10.66
CA ILE A 88 1.71 -15.57 -10.88
C ILE A 88 1.52 -15.85 -12.38
N PRO A 89 0.60 -16.75 -12.74
CA PRO A 89 0.30 -16.97 -14.16
C PRO A 89 -0.30 -15.74 -14.82
N LEU A 90 0.20 -15.43 -16.00
CA LEU A 90 -0.36 -14.33 -16.77
C LEU A 90 -1.84 -14.53 -17.06
N GLU A 91 -2.30 -15.78 -17.11
CA GLU A 91 -3.71 -16.08 -17.34
C GLU A 91 -4.61 -15.48 -16.26
N TYR A 92 -4.10 -15.24 -15.06
CA TYR A 92 -4.95 -14.62 -14.04
C TYR A 92 -5.39 -13.21 -14.42
N ILE A 93 -4.63 -12.53 -15.28
CA ILE A 93 -4.96 -11.14 -15.63
C ILE A 93 -6.27 -11.08 -16.42
N GLU A 94 -6.32 -11.77 -17.58
CA GLU A 94 -7.54 -11.87 -18.37
C GLU A 94 -8.70 -12.42 -17.55
N ARG A 95 -8.43 -13.41 -16.69
CA ARG A 95 -9.46 -14.02 -15.87
C ARG A 95 -10.02 -13.08 -14.82
N MET A 96 -9.30 -12.02 -14.45
CA MET A 96 -9.85 -11.03 -13.53
CA MET A 96 -9.82 -11.01 -13.54
C MET A 96 -10.66 -9.95 -14.23
N GLY A 97 -10.83 -10.04 -15.54
CA GLY A 97 -11.57 -9.01 -16.25
C GLY A 97 -10.76 -7.77 -16.55
N ILE A 98 -9.44 -7.89 -16.51
CA ILE A 98 -8.58 -6.79 -16.91
C ILE A 98 -8.44 -6.92 -18.42
N ASP A 99 -9.30 -6.22 -19.15
CA ASP A 99 -9.40 -6.46 -20.58
C ASP A 99 -8.09 -6.11 -21.29
N ASN A 100 -7.77 -6.89 -22.33
CA ASN A 100 -6.51 -6.80 -23.05
C ASN A 100 -6.32 -5.44 -23.71
N ASP A 101 -7.30 -4.55 -23.58
CA ASP A 101 -7.18 -3.19 -24.07
C ASP A 101 -6.00 -2.51 -23.38
N THR A 102 -6.29 -1.72 -22.34
CA THR A 102 -5.24 -1.09 -21.55
C THR A 102 -5.77 -0.77 -20.16
N GLU A 103 -5.39 0.41 -19.65
CA GLU A 103 -5.63 0.83 -18.28
C GLU A 103 -4.78 -0.02 -17.34
N LEU A 104 -5.42 -0.88 -16.54
CA LEU A 104 -4.64 -1.77 -15.70
C LEU A 104 -3.84 -2.78 -16.51
N SER A 105 -4.27 -3.11 -17.72
CA SER A 105 -3.60 -4.14 -18.51
C SER A 105 -2.22 -3.70 -18.95
N LYS A 106 -2.09 -2.46 -19.41
CA LYS A 106 -0.79 -1.92 -19.77
C LYS A 106 0.11 -1.72 -18.56
N GLN A 107 -0.42 -1.88 -17.35
CA GLN A 107 0.38 -1.68 -16.17
C GLN A 107 1.02 -2.97 -15.67
N ILE A 108 0.84 -4.10 -16.36
CA ILE A 108 1.32 -5.37 -15.81
C ILE A 108 2.79 -5.58 -16.20
N PHE A 109 3.63 -5.99 -15.23
CA PHE A 109 5.00 -6.39 -15.52
C PHE A 109 5.00 -7.86 -15.93
N ARG A 110 5.38 -8.14 -17.18
CA ARG A 110 5.40 -9.53 -17.61
C ARG A 110 6.73 -10.18 -17.30
N VAL A 111 6.67 -11.45 -16.98
CA VAL A 111 7.87 -12.24 -16.71
C VAL A 111 7.85 -13.46 -17.63
N ASP A 112 8.87 -13.58 -18.47
CA ASP A 112 8.96 -14.69 -19.43
C ASP A 112 7.78 -14.53 -20.40
N LYS A 113 7.10 -15.62 -20.77
CA LYS A 113 5.97 -15.55 -21.67
C LYS A 113 4.63 -15.83 -21.00
N ASN A 114 4.63 -16.57 -19.89
CA ASN A 114 3.37 -17.01 -19.29
C ASN A 114 3.18 -16.55 -17.85
N PHE A 115 4.05 -15.67 -17.34
CA PHE A 115 3.94 -15.24 -15.96
C PHE A 115 3.94 -13.73 -15.88
N CYS A 116 3.57 -13.22 -14.72
CA CYS A 116 3.70 -11.80 -14.46
C CYS A 116 3.90 -11.58 -12.98
N LEU A 117 4.26 -10.35 -12.62
CA LEU A 117 4.26 -9.99 -11.23
C LEU A 117 2.85 -9.57 -10.84
N ARG A 118 2.34 -10.10 -9.74
CA ARG A 118 0.95 -9.80 -9.37
C ARG A 118 0.73 -8.29 -9.19
N PRO A 119 -0.33 -7.72 -9.77
CA PRO A 119 -0.65 -6.31 -9.54
C PRO A 119 -1.58 -6.11 -8.36
N MET A 120 -2.08 -7.22 -7.79
CA MET A 120 -2.95 -7.17 -6.64
C MET A 120 -2.96 -8.56 -6.03
N LEU A 121 -3.50 -8.64 -4.82
CA LEU A 121 -3.57 -9.92 -4.11
C LEU A 121 -4.84 -10.67 -4.38
N ALA A 122 -5.86 -10.03 -4.95
CA ALA A 122 -7.18 -10.63 -5.02
C ALA A 122 -7.25 -12.02 -5.64
N PRO A 123 -6.61 -12.31 -6.79
CA PRO A 123 -6.83 -13.65 -7.39
C PRO A 123 -6.34 -14.79 -6.51
N ASN A 124 -5.16 -14.64 -5.92
CA ASN A 124 -4.65 -15.66 -5.03
C ASN A 124 -5.57 -15.84 -3.83
N LEU A 125 -6.10 -14.74 -3.31
CA LEU A 125 -7.01 -14.80 -2.17
C LEU A 125 -8.33 -15.47 -2.55
N ALA A 126 -8.88 -15.17 -3.74
CA ALA A 126 -10.07 -15.86 -4.20
C ALA A 126 -9.86 -17.37 -4.27
N ASN A 127 -8.68 -17.82 -4.73
CA ASN A 127 -8.41 -19.24 -4.80
C ASN A 127 -8.37 -19.84 -3.39
N TYR A 128 -7.75 -19.13 -2.44
CA TYR A 128 -7.74 -19.59 -1.06
C TYR A 128 -9.14 -19.65 -0.48
N LEU A 129 -9.98 -18.62 -0.70
CA LEU A 129 -11.32 -18.69 -0.14
C LEU A 129 -12.02 -19.95 -0.63
N ARG A 130 -11.97 -20.19 -1.95
CA ARG A 130 -12.65 -21.36 -2.53
C ARG A 130 -12.13 -22.65 -1.91
N LYS A 131 -10.81 -22.81 -1.83
CA LYS A 131 -10.27 -24.05 -1.31
C LYS A 131 -10.56 -24.21 0.18
N LEU A 132 -10.41 -23.12 0.96
CA LEU A 132 -10.57 -23.25 2.41
C LEU A 132 -12.03 -23.50 2.79
N ASP A 133 -12.97 -23.05 1.98
CA ASP A 133 -14.38 -23.26 2.26
C ASP A 133 -14.73 -24.76 2.26
N ARG A 134 -13.87 -25.61 1.69
CA ARG A 134 -14.10 -27.04 1.72
CA ARG A 134 -14.16 -27.03 1.75
C ARG A 134 -13.69 -27.68 3.03
N ALA A 135 -12.96 -26.94 3.88
CA ALA A 135 -12.47 -27.52 5.14
C ALA A 135 -12.76 -26.70 6.38
N LEU A 136 -12.95 -25.39 6.29
CA LEU A 136 -13.07 -24.55 7.47
C LEU A 136 -14.51 -24.15 7.70
N PRO A 137 -14.85 -23.89 8.96
CA PRO A 137 -16.20 -23.46 9.31
C PRO A 137 -16.49 -22.05 8.85
N ASP A 138 -17.76 -21.78 8.64
CA ASP A 138 -18.21 -20.45 8.23
C ASP A 138 -18.12 -19.48 9.40
N PRO A 139 -17.67 -18.23 9.17
CA PRO A 139 -17.23 -17.66 7.88
C PRO A 139 -15.74 -17.89 7.66
N ILE A 140 -15.28 -17.84 6.41
CA ILE A 140 -13.86 -17.95 6.11
C ILE A 140 -13.26 -16.53 6.12
N LYS A 141 -12.21 -16.31 6.94
CA LYS A 141 -11.61 -14.98 7.07
C LYS A 141 -10.13 -15.14 6.83
N ILE A 142 -9.60 -14.45 5.82
CA ILE A 142 -8.16 -14.55 5.50
C ILE A 142 -7.61 -13.19 5.12
N PHE A 143 -6.29 -13.06 5.17
CA PHE A 143 -5.69 -11.80 4.69
C PHE A 143 -4.30 -12.11 4.21
N GLU A 144 -3.74 -11.16 3.42
CA GLU A 144 -2.37 -11.23 2.99
C GLU A 144 -1.79 -9.84 2.96
N ILE A 145 -0.49 -9.73 3.25
CA ILE A 145 0.30 -8.52 3.06
C ILE A 145 1.50 -8.90 2.22
N GLY A 146 1.73 -8.17 1.14
CA GLY A 146 3.00 -8.37 0.44
C GLY A 146 3.12 -7.52 -0.82
N PRO A 147 4.22 -7.73 -1.51
CA PRO A 147 4.57 -6.87 -2.67
C PRO A 147 3.59 -7.08 -3.80
N CYS A 148 3.28 -5.98 -4.48
CA CYS A 148 2.51 -5.98 -5.72
C CYS A 148 3.16 -4.97 -6.66
N TYR A 149 2.85 -5.09 -7.97
CA TYR A 149 3.63 -4.39 -9.00
C TYR A 149 2.74 -3.87 -10.09
N ARG A 150 2.90 -2.60 -10.43
CA ARG A 150 2.18 -1.99 -11.54
C ARG A 150 3.09 -0.96 -12.19
N LYS A 151 3.04 -0.87 -13.52
CA LYS A 151 3.71 0.23 -14.21
C LYS A 151 2.86 1.46 -14.00
N GLU A 152 3.47 2.55 -13.55
CA GLU A 152 2.73 3.76 -13.22
C GLU A 152 3.41 4.97 -13.83
N SER A 153 2.62 6.00 -14.12
CA SER A 153 3.18 7.28 -14.55
C SER A 153 4.04 7.91 -13.46
N ASP A 154 3.97 7.38 -12.24
CA ASP A 154 4.83 7.79 -11.13
C ASP A 154 4.53 9.22 -10.74
N GLY A 155 3.64 9.36 -9.78
CA GLY A 155 3.42 10.64 -9.18
C GLY A 155 3.82 10.57 -7.72
N LYS A 156 3.32 11.52 -6.93
CA LYS A 156 3.64 11.56 -5.52
C LYS A 156 2.94 10.47 -4.72
N GLU A 157 2.00 9.69 -5.31
CA GLU A 157 1.18 8.73 -4.57
C GLU A 157 1.27 7.31 -5.14
N HIS A 158 2.09 7.09 -6.14
CA HIS A 158 2.21 5.80 -6.78
C HIS A 158 3.65 5.32 -6.77
N LEU A 159 3.80 4.01 -6.56
CA LEU A 159 5.07 3.31 -6.71
C LEU A 159 4.86 2.19 -7.71
N GLU A 160 5.93 1.81 -8.39
CA GLU A 160 5.81 0.63 -9.25
C GLU A 160 5.90 -0.66 -8.47
N GLU A 161 6.60 -0.65 -7.34
CA GLU A 161 6.73 -1.77 -6.41
C GLU A 161 6.18 -1.26 -5.09
N PHE A 162 5.02 -1.78 -4.68
CA PHE A 162 4.36 -1.34 -3.47
C PHE A 162 3.93 -2.56 -2.67
N THR A 163 3.35 -2.33 -1.51
CA THR A 163 2.98 -3.39 -0.57
C THR A 163 1.49 -3.25 -0.32
N MET A 164 0.72 -4.30 -0.61
N MET A 164 0.77 -4.34 -0.55
CA MET A 164 -0.74 -4.26 -0.40
CA MET A 164 -0.68 -4.40 -0.37
C MET A 164 -1.15 -5.21 0.72
C MET A 164 -1.05 -5.21 0.87
N LEU A 165 -2.10 -4.75 1.57
CA LEU A 165 -2.84 -5.60 2.51
C LEU A 165 -4.17 -5.85 1.83
N ASN A 166 -4.64 -7.10 1.80
CA ASN A 166 -6.01 -7.37 1.42
CA ASN A 166 -6.00 -7.39 1.41
C ASN A 166 -6.54 -8.32 2.45
N PHE A 167 -7.63 -7.94 3.09
CA PHE A 167 -8.36 -8.87 3.95
C PHE A 167 -9.71 -9.14 3.33
N CYS A 168 -10.25 -10.33 3.61
CA CYS A 168 -11.51 -10.68 3.00
C CYS A 168 -12.17 -11.76 3.82
N GLN A 169 -13.48 -11.90 3.59
CA GLN A 169 -14.31 -12.81 4.36
C GLN A 169 -15.32 -13.37 3.38
N MET A 170 -15.71 -14.63 3.59
CA MET A 170 -16.71 -15.26 2.73
C MET A 170 -17.65 -16.09 3.58
N GLY A 171 -18.95 -15.96 3.37
CA GLY A 171 -19.93 -16.72 4.12
C GLY A 171 -20.85 -15.76 4.83
N SER A 172 -21.13 -16.05 6.09
CA SER A 172 -21.96 -15.16 6.89
C SER A 172 -21.19 -13.87 7.21
N GLY A 173 -21.97 -12.84 7.54
CA GLY A 173 -21.37 -11.59 7.96
C GLY A 173 -20.78 -10.73 6.86
N CYS A 174 -21.10 -11.03 5.60
CA CYS A 174 -20.47 -10.31 4.51
C CYS A 174 -21.38 -9.21 4.00
N THR A 175 -21.54 -8.23 4.88
CA THR A 175 -22.43 -7.09 4.64
C THR A 175 -21.60 -5.82 4.54
N ARG A 176 -22.20 -4.80 3.92
CA ARG A 176 -21.54 -3.49 3.88
C ARG A 176 -21.25 -2.98 5.28
N GLU A 177 -22.18 -3.17 6.22
CA GLU A 177 -21.98 -2.64 7.58
C GLU A 177 -20.82 -3.33 8.28
N ASN A 178 -20.68 -4.64 8.09
CA ASN A 178 -19.56 -5.31 8.73
C ASN A 178 -18.24 -4.92 8.06
N LEU A 179 -18.22 -4.82 6.73
CA LEU A 179 -17.01 -4.33 6.04
C LEU A 179 -16.60 -2.96 6.55
N GLU A 180 -17.57 -2.03 6.64
CA GLU A 180 -17.23 -0.70 7.15
C GLU A 180 -16.74 -0.77 8.60
N SER A 181 -17.32 -1.66 9.41
CA SER A 181 -16.90 -1.78 10.80
CA SER A 181 -16.89 -1.75 10.80
C SER A 181 -15.46 -2.26 10.90
N ILE A 182 -15.06 -3.22 10.05
CA ILE A 182 -13.69 -3.72 10.09
C ILE A 182 -12.73 -2.62 9.68
N ILE A 183 -13.06 -1.91 8.62
CA ILE A 183 -12.21 -0.81 8.14
C ILE A 183 -12.08 0.25 9.24
N THR A 184 -13.20 0.57 9.91
CA THR A 184 -13.16 1.57 10.98
C THR A 184 -12.29 1.10 12.13
N ASP A 185 -12.44 -0.16 12.56
CA ASP A 185 -11.59 -0.65 13.64
C ASP A 185 -10.10 -0.62 13.24
N PHE A 186 -9.81 -1.09 12.03
CA PHE A 186 -8.45 -1.12 11.52
C PHE A 186 -7.82 0.28 11.49
N LEU A 187 -8.49 1.24 10.85
CA LEU A 187 -7.88 2.57 10.76
C LEU A 187 -7.89 3.30 12.09
N ASN A 188 -8.85 3.02 12.97
CA ASN A 188 -8.79 3.52 14.34
C ASN A 188 -7.57 2.95 15.06
N HIS A 189 -7.24 1.68 14.82
CA HIS A 189 -6.06 1.08 15.43
C HIS A 189 -4.76 1.78 14.98
N LEU A 190 -4.68 2.15 13.71
CA LEU A 190 -3.52 2.88 13.21
C LEU A 190 -3.60 4.37 13.47
N GLY A 191 -4.72 4.89 13.93
CA GLY A 191 -4.82 6.33 14.23
C GLY A 191 -4.99 7.23 13.01
N ILE A 192 -5.66 6.74 11.98
CA ILE A 192 -5.78 7.44 10.71
C ILE A 192 -7.24 7.77 10.47
N ASP A 193 -7.54 9.08 10.35
CA ASP A 193 -8.89 9.55 10.04
C ASP A 193 -9.24 9.26 8.58
N PHE A 194 -10.51 9.04 8.29
CA PHE A 194 -10.89 8.71 6.93
C PHE A 194 -12.37 8.98 6.73
N LYS A 195 -12.77 8.98 5.46
CA LYS A 195 -14.19 8.93 5.08
C LYS A 195 -14.33 7.85 4.02
N ILE A 196 -15.57 7.40 3.78
CA ILE A 196 -15.88 6.45 2.72
C ILE A 196 -16.65 7.17 1.61
N VAL A 197 -16.19 7.00 0.37
CA VAL A 197 -16.83 7.60 -0.81
C VAL A 197 -17.05 6.52 -1.85
N GLY A 198 -18.15 6.55 -2.58
CA GLY A 198 -18.35 5.56 -3.64
C GLY A 198 -17.46 5.85 -4.84
N ASP A 199 -16.96 4.79 -5.46
CA ASP A 199 -16.21 4.90 -6.71
C ASP A 199 -16.56 3.64 -7.51
N SER A 200 -15.85 3.43 -8.62
CA SER A 200 -16.10 2.27 -9.44
CA SER A 200 -16.09 2.25 -9.42
C SER A 200 -14.80 1.89 -10.11
N CYS A 201 -14.64 0.61 -10.41
CA CYS A 201 -13.46 0.17 -11.12
C CYS A 201 -13.82 -0.97 -12.06
N MET A 202 -12.92 -1.18 -13.02
CA MET A 202 -13.16 -2.11 -14.11
C MET A 202 -13.28 -3.54 -13.63
N VAL A 203 -12.52 -3.91 -12.58
CA VAL A 203 -12.46 -5.30 -12.15
C VAL A 203 -13.67 -5.67 -11.31
N PHE A 204 -13.96 -4.85 -10.29
CA PHE A 204 -14.93 -5.23 -9.27
C PHE A 204 -16.26 -4.50 -9.38
N GLY A 205 -16.34 -3.42 -10.15
CA GLY A 205 -17.58 -2.64 -10.18
C GLY A 205 -17.58 -1.55 -9.12
N ASP A 206 -18.71 -1.37 -8.45
CA ASP A 206 -18.80 -0.33 -7.41
C ASP A 206 -17.87 -0.63 -6.26
N THR A 207 -17.13 0.38 -5.82
CA THR A 207 -16.24 0.21 -4.68
C THR A 207 -16.61 1.21 -3.61
N LEU A 208 -16.30 0.87 -2.38
CA LEU A 208 -16.29 1.82 -1.27
C LEU A 208 -14.83 2.23 -1.12
N ASP A 209 -14.51 3.44 -1.56
CA ASP A 209 -13.14 3.92 -1.42
C ASP A 209 -12.93 4.60 -0.08
N VAL A 210 -11.85 4.22 0.59
CA VAL A 210 -11.49 4.76 1.90
C VAL A 210 -10.53 5.91 1.63
N MET A 211 -10.93 7.12 1.96
CA MET A 211 -10.18 8.33 1.62
C MET A 211 -9.63 9.02 2.86
N HIS A 212 -8.38 9.44 2.79
CA HIS A 212 -7.84 10.37 3.78
C HIS A 212 -7.60 11.65 3.02
N GLY A 213 -8.53 12.61 3.15
CA GLY A 213 -8.48 13.78 2.27
C GLY A 213 -8.65 13.32 0.83
N ASP A 214 -7.76 13.78 -0.04
CA ASP A 214 -7.80 13.38 -1.44
C ASP A 214 -7.03 12.11 -1.71
N LEU A 215 -6.45 11.47 -0.68
CA LEU A 215 -5.61 10.28 -0.86
C LEU A 215 -6.46 9.02 -0.68
N GLU A 216 -6.48 8.16 -1.71
CA GLU A 216 -7.18 6.89 -1.61
C GLU A 216 -6.32 5.90 -0.83
N LEU A 217 -6.82 5.50 0.34
CA LEU A 217 -6.09 4.46 1.07
C LEU A 217 -6.51 3.06 0.66
N SER A 218 -7.77 2.87 0.27
CA SER A 218 -8.24 1.54 -0.06
C SER A 218 -9.41 1.62 -1.02
N SER A 219 -9.59 0.55 -1.79
CA SER A 219 -10.88 0.20 -2.36
C SER A 219 -11.40 -1.06 -1.71
N ALA A 220 -12.69 -1.07 -1.38
CA ALA A 220 -13.34 -2.20 -0.73
C ALA A 220 -14.57 -2.57 -1.55
N VAL A 221 -14.95 -3.84 -1.47
CA VAL A 221 -15.99 -4.40 -2.32
C VAL A 221 -16.90 -5.26 -1.48
N VAL A 222 -18.22 -5.13 -1.71
CA VAL A 222 -19.20 -6.08 -1.17
C VAL A 222 -19.67 -6.97 -2.32
N GLY A 223 -19.41 -8.26 -2.24
CA GLY A 223 -19.91 -9.19 -3.23
C GLY A 223 -21.34 -9.57 -2.91
N PRO A 224 -21.90 -10.45 -3.74
CA PRO A 224 -21.32 -11.09 -4.93
C PRO A 224 -21.18 -10.15 -6.10
N ILE A 225 -20.30 -10.48 -7.03
CA ILE A 225 -20.12 -9.77 -8.30
C ILE A 225 -20.07 -10.81 -9.41
N PRO A 226 -20.31 -10.40 -10.66
CA PRO A 226 -20.35 -11.38 -11.75
C PRO A 226 -19.06 -12.18 -11.93
N LEU A 227 -17.90 -11.58 -11.61
CA LEU A 227 -16.59 -12.23 -11.65
C LEU A 227 -16.52 -13.50 -10.80
N ASP A 228 -17.37 -13.63 -9.78
CA ASP A 228 -17.27 -14.74 -8.84
C ASP A 228 -17.31 -16.09 -9.54
N ARG A 229 -18.17 -16.23 -10.55
CA ARG A 229 -18.34 -17.53 -11.22
C ARG A 229 -17.03 -18.00 -11.83
N GLU A 230 -16.22 -17.08 -12.34
CA GLU A 230 -15.00 -17.46 -13.03
C GLU A 230 -13.95 -17.96 -12.07
N TRP A 231 -14.12 -17.67 -10.77
CA TRP A 231 -13.17 -18.05 -9.73
C TRP A 231 -13.78 -19.10 -8.81
N GLY A 232 -14.96 -19.60 -9.14
CA GLY A 232 -15.59 -20.61 -8.30
C GLY A 232 -16.04 -20.11 -6.95
N ILE A 233 -16.31 -18.83 -6.83
CA ILE A 233 -16.78 -18.24 -5.59
C ILE A 233 -18.30 -18.21 -5.70
N ASP A 234 -18.99 -18.76 -4.70
CA ASP A 234 -20.42 -18.97 -4.82
C ASP A 234 -21.13 -18.62 -3.53
N LYS A 235 -20.52 -17.78 -2.71
CA LYS A 235 -21.10 -17.31 -1.47
C LYS A 235 -20.90 -15.79 -1.37
N PRO A 236 -21.63 -15.13 -0.47
CA PRO A 236 -21.36 -13.72 -0.19
C PRO A 236 -19.93 -13.54 0.27
N TRP A 237 -19.39 -12.35 0.05
CA TRP A 237 -18.02 -12.06 0.45
C TRP A 237 -17.85 -10.56 0.57
N ILE A 238 -16.80 -10.17 1.30
CA ILE A 238 -16.44 -8.76 1.43
C ILE A 238 -14.93 -8.74 1.40
N GLY A 239 -14.36 -7.62 0.95
CA GLY A 239 -12.90 -7.53 0.97
C GLY A 239 -12.44 -6.12 0.75
N ALA A 240 -11.18 -5.84 1.15
CA ALA A 240 -10.64 -4.49 0.97
C ALA A 240 -9.14 -4.61 0.75
N GLY A 241 -8.62 -3.76 -0.12
CA GLY A 241 -7.16 -3.68 -0.36
C GLY A 241 -6.62 -2.31 0.01
N PHE A 242 -5.54 -2.28 0.78
CA PHE A 242 -4.88 -1.06 1.26
C PHE A 242 -3.43 -1.06 0.84
N GLY A 243 -2.91 0.10 0.44
CA GLY A 243 -1.47 0.26 0.24
C GLY A 243 -0.71 0.66 1.50
N LEU A 244 0.23 -0.18 1.93
CA LEU A 244 0.97 0.14 3.16
C LEU A 244 1.80 1.42 3.01
N GLU A 245 2.42 1.67 1.85
CA GLU A 245 3.22 2.91 1.72
C GLU A 245 2.35 4.15 1.78
N ARG A 246 1.08 4.06 1.32
CA ARG A 246 0.17 5.20 1.51
C ARG A 246 -0.16 5.37 2.97
N LEU A 247 -0.39 4.27 3.72
CA LEU A 247 -0.60 4.42 5.15
C LEU A 247 0.61 5.11 5.81
N LEU A 248 1.83 4.70 5.44
CA LEU A 248 3.03 5.32 6.02
C LEU A 248 3.14 6.78 5.60
N LYS A 249 2.75 7.12 4.37
CA LYS A 249 2.81 8.52 3.95
C LYS A 249 1.93 9.37 4.85
N VAL A 250 0.74 8.88 5.18
CA VAL A 250 -0.13 9.65 6.07
C VAL A 250 0.45 9.71 7.46
N LYS A 251 0.89 8.57 7.99
CA LYS A 251 1.38 8.50 9.37
C LYS A 251 2.56 9.43 9.59
N HIS A 252 3.46 9.53 8.60
CA HIS A 252 4.70 10.30 8.76
C HIS A 252 4.69 11.62 7.99
N ASP A 253 3.57 12.01 7.37
CA ASP A 253 3.48 13.31 6.69
CA ASP A 253 3.45 13.30 6.67
C ASP A 253 4.48 13.44 5.55
N PHE A 254 4.83 12.35 4.90
CA PHE A 254 5.76 12.45 3.77
C PHE A 254 5.13 13.21 2.60
N LYS A 255 5.93 14.05 1.93
CA LYS A 255 5.44 14.71 0.72
C LYS A 255 5.38 13.76 -0.47
N ASN A 256 6.27 12.77 -0.52
CA ASN A 256 6.32 11.85 -1.64
C ASN A 256 6.31 10.44 -1.08
N ILE A 257 5.49 9.59 -1.69
CA ILE A 257 5.44 8.21 -1.27
C ILE A 257 6.76 7.46 -1.42
N LYS A 258 7.70 7.98 -2.24
CA LYS A 258 8.98 7.29 -2.37
C LYS A 258 9.71 7.16 -1.05
N ARG A 259 9.42 8.07 -0.08
CA ARG A 259 10.05 7.97 1.23
C ARG A 259 9.70 6.72 1.96
N ALA A 260 8.57 6.12 1.59
CA ALA A 260 8.00 4.97 2.28
C ALA A 260 8.35 3.67 1.58
N ALA A 261 8.89 3.73 0.36
CA ALA A 261 9.03 2.56 -0.48
C ALA A 261 10.21 1.69 -0.07
N ARG A 262 10.17 0.45 -0.53
CA ARG A 262 11.40 -0.34 -0.65
C ARG A 262 12.37 0.41 -1.49
N SER A 263 13.58 0.55 -1.00
CA SER A 263 14.40 1.52 -1.67
C SER A 263 15.79 1.38 -1.11
N GLY A 264 16.76 1.71 -1.94
CA GLY A 264 18.08 1.95 -1.47
C GLY A 264 18.33 3.41 -1.17
N SER A 265 17.38 4.31 -1.52
CA SER A 265 17.56 5.76 -1.42
C SER A 265 17.02 6.39 -0.14
N TYR A 266 16.20 5.66 0.61
CA TYR A 266 15.66 6.15 1.88
C TYR A 266 15.56 4.99 2.85
N TYR A 267 15.91 5.26 4.09
CA TYR A 267 15.71 4.34 5.20
C TYR A 267 14.75 4.99 6.18
N ASN A 268 13.57 4.41 6.36
CA ASN A 268 12.58 5.01 7.25
C ASN A 268 12.42 6.51 6.99
N GLY A 269 12.33 6.85 5.70
CA GLY A 269 12.15 8.21 5.26
C GLY A 269 13.37 9.11 5.34
N ILE A 270 14.53 8.60 5.74
CA ILE A 270 15.77 9.40 5.83
CA ILE A 270 15.76 9.39 5.84
C ILE A 270 16.60 9.08 4.61
N SER A 271 17.09 10.10 3.92
CA SER A 271 17.96 9.85 2.78
C SER A 271 19.16 9.02 3.17
N THR A 272 19.50 8.03 2.34
CA THR A 272 20.73 7.27 2.52
C THR A 272 21.89 7.86 1.74
N ASN A 273 21.71 9.02 1.09
CA ASN A 273 22.75 9.67 0.32
C ASN A 273 23.28 10.79 1.21
N LEU A 274 24.13 10.40 2.16
CA LEU A 274 24.68 11.29 3.17
C LEU A 274 26.19 11.49 3.11
#